data_9CBH
#
_entry.id   9CBH
#
_cell.length_a   80.151
_cell.length_b   80.151
_cell.length_c   228.734
_cell.angle_alpha   90.000
_cell.angle_beta   90.000
_cell.angle_gamma   120.000
#
_symmetry.space_group_name_H-M   'P 31 2 1'
#
loop_
_entity.id
_entity.type
_entity.pdbx_description
1 polymer 'Polyamine deacetylase HDAC10'
2 non-polymer 1-[4-(aminomethyl)phenyl]-2-sulfanylethan-1-one
3 non-polymer 'PHOSPHATE ION'
4 non-polymer 'POTASSIUM ION'
5 non-polymer 'ZINC ION'
6 water water
#
_entity_poly.entity_id   1
_entity_poly.type   'polypeptide(L)'
_entity_poly.pdbx_seq_one_letter_code
;AASGSALIFDEEMSRYKLLWTDPECEIEVPERLTVSYEALRTHGLAQRCKAVPVRQATEQEILLAHSEEYLEAVKQTPGM
NVEELMAFSKKYNAVYFHQNIYHCAKLAAGATLQLVDSVMKREVRNGMALVRPPGHHSQRSAANGFCVFNNVAFAALYAK
KNYNLNRILIVDWDVHHGQGIQYCFEEDPSVLYFSWHRYEHQSFWPNLPESDYSSVGKGKGSGFNINLPWNKVGMTNSDY
LAAFFHVLLPVAYEFDPELVIVSAGFDSAIGDPEGEMCALPEIFAHLTHLLMPLAAGKMCVVLEGGYNLTSLGQSVCQTV
HSLLGDPTPRISGLGTACDSALESIQNVRNVQSSYWSSFKHLAQSETNPKRPRLDATNGGPKESSEPASESNPKKTAQDI
VWPEPLKRMPASVRTVVVPPPGVELTLPKNCQHSGDISESTAKEVQRIRDKHFHDLTDQNILRSLGNIISVLDRMMRSDE
VCNGCVVVSDLSVSVQCALQHALTEPAERVLVVYVGDGELPVKTNDGKVFLVQICTKETEDKCVNRLTLCLREGESLTAG
FMQALLGLILPVAYEFNPALVLGIVEETAAKTRLMRVWGHMTCLIQGLARGRMLTLLQGYDKDLLELTVSALSGASISPL
GPLRAPKPEDVEMMEKQRQRLQERWGLLRCTVSESW
;
_entity_poly.pdbx_strand_id   A
#
# COMPACT_ATOMS: atom_id res chain seq x y z
N ALA A 2 -11.58 -10.92 -12.56
CA ALA A 2 -10.36 -11.55 -12.07
C ALA A 2 -10.30 -11.51 -10.54
N SER A 3 -10.13 -12.67 -9.93
CA SER A 3 -10.06 -12.77 -8.48
C SER A 3 -9.10 -13.88 -8.09
N GLY A 4 -8.42 -13.69 -6.97
CA GLY A 4 -7.42 -14.62 -6.47
C GLY A 4 -6.10 -13.91 -6.19
N SER A 5 -5.25 -14.63 -5.46
CA SER A 5 -3.95 -14.12 -5.05
C SER A 5 -2.91 -15.21 -5.30
N ALA A 6 -2.20 -15.12 -6.44
CA ALA A 6 -1.21 -16.12 -6.78
C ALA A 6 -0.06 -16.11 -5.79
N LEU A 7 0.39 -17.31 -5.41
CA LEU A 7 1.56 -17.47 -4.54
C LEU A 7 2.49 -18.48 -5.21
N ILE A 8 3.55 -17.97 -5.82
CA ILE A 8 4.51 -18.81 -6.53
C ILE A 8 5.70 -19.07 -5.61
N PHE A 9 6.07 -20.33 -5.48
CA PHE A 9 7.10 -20.75 -4.54
C PHE A 9 7.48 -22.19 -4.84
N ASP A 10 8.75 -22.52 -4.56
CA ASP A 10 9.20 -23.90 -4.65
C ASP A 10 10.42 -24.07 -3.74
N GLU A 11 10.50 -25.22 -3.08
CA GLU A 11 11.58 -25.47 -2.14
C GLU A 11 12.94 -25.59 -2.81
N GLU A 12 13.01 -25.72 -4.13
CA GLU A 12 14.29 -25.90 -4.80
C GLU A 12 15.18 -24.67 -4.63
N MET A 13 14.56 -23.48 -4.51
CA MET A 13 15.31 -22.24 -4.40
C MET A 13 15.94 -22.15 -3.02
N SER A 14 15.66 -23.15 -2.19
CA SER A 14 16.34 -23.36 -0.92
C SER A 14 17.55 -24.29 -1.04
N ARG A 15 17.72 -24.97 -2.17
CA ARG A 15 18.81 -25.90 -2.35
C ARG A 15 20.07 -25.21 -2.86
N TYR A 16 20.39 -24.04 -2.32
CA TYR A 16 21.66 -23.38 -2.58
C TYR A 16 22.00 -22.58 -1.33
N LYS A 17 23.30 -22.49 -1.04
CA LYS A 17 23.75 -21.85 0.19
C LYS A 17 25.20 -21.43 0.02
N LEU A 18 25.68 -20.65 0.99
CA LEU A 18 27.07 -20.21 1.02
C LEU A 18 27.95 -21.35 1.49
N LEU A 19 28.97 -21.68 0.70
CA LEU A 19 29.80 -22.85 0.95
C LEU A 19 31.14 -22.52 1.57
N TRP A 20 31.33 -21.30 2.06
CA TRP A 20 32.57 -20.91 2.71
C TRP A 20 32.27 -19.82 3.72
N THR A 21 33.30 -19.36 4.41
CA THR A 21 33.15 -18.27 5.37
C THR A 21 33.19 -16.94 4.62
N ASP A 22 32.14 -16.15 4.78
CA ASP A 22 32.03 -14.86 4.11
C ASP A 22 31.03 -14.00 4.88
N PRO A 23 31.50 -13.20 5.84
CA PRO A 23 30.55 -12.42 6.67
C PRO A 23 29.70 -11.46 5.86
N GLU A 24 30.17 -11.02 4.69
CA GLU A 24 29.38 -10.13 3.86
C GLU A 24 28.09 -10.79 3.41
N CYS A 25 28.08 -12.12 3.30
CA CYS A 25 26.93 -12.85 2.79
C CYS A 25 26.31 -13.81 3.81
N GLU A 26 26.83 -13.85 5.04
CA GLU A 26 26.35 -14.83 6.02
C GLU A 26 24.88 -14.68 6.33
N ILE A 27 24.29 -13.51 6.09
CA ILE A 27 22.88 -13.30 6.40
C ILE A 27 21.99 -14.04 5.42
N GLU A 28 22.41 -14.14 4.16
CA GLU A 28 21.57 -14.69 3.09
C GLU A 28 21.59 -16.21 3.19
N VAL A 29 20.59 -16.77 3.87
CA VAL A 29 20.53 -18.20 4.14
C VAL A 29 19.28 -18.76 3.47
N PRO A 30 19.28 -20.05 3.15
CA PRO A 30 18.06 -20.65 2.57
C PRO A 30 16.86 -20.60 3.49
N GLU A 31 17.09 -20.73 4.80
CA GLU A 31 16.05 -20.73 5.83
C GLU A 31 15.03 -19.64 5.61
N ARG A 32 15.51 -18.46 5.24
CA ARG A 32 14.66 -17.34 4.83
C ARG A 32 13.44 -17.83 4.08
N LEU A 33 13.64 -18.33 2.86
CA LEU A 33 12.51 -18.81 2.07
C LEU A 33 11.61 -19.71 2.88
N THR A 34 12.18 -20.76 3.48
CA THR A 34 11.37 -21.70 4.25
C THR A 34 10.56 -20.98 5.32
N VAL A 35 11.23 -20.16 6.14
CA VAL A 35 10.52 -19.56 7.26
C VAL A 35 9.42 -18.63 6.76
N SER A 36 9.54 -18.12 5.53
CA SER A 36 8.45 -17.36 4.96
C SER A 36 7.26 -18.25 4.66
N TYR A 37 7.48 -19.32 3.89
CA TYR A 37 6.36 -20.14 3.44
C TYR A 37 5.68 -20.82 4.63
N GLU A 38 6.48 -21.41 5.53
CA GLU A 38 5.93 -21.95 6.76
C GLU A 38 5.07 -20.93 7.47
N ALA A 39 5.53 -19.67 7.53
CA ALA A 39 4.72 -18.63 8.15
C ALA A 39 3.36 -18.51 7.46
N LEU A 40 3.37 -18.41 6.13
CA LEU A 40 2.12 -18.35 5.38
C LEU A 40 1.30 -19.61 5.58
N ARG A 41 1.95 -20.74 5.86
CA ARG A 41 1.21 -21.96 6.12
C ARG A 41 0.71 -22.03 7.55
N THR A 42 1.37 -21.32 8.47
CA THR A 42 0.94 -21.34 9.87
C THR A 42 -0.27 -20.46 10.11
N HIS A 43 -0.54 -19.51 9.22
CA HIS A 43 -1.68 -18.61 9.35
C HIS A 43 -2.73 -18.85 8.25
N GLY A 44 -2.58 -19.92 7.48
CA GLY A 44 -3.56 -20.26 6.47
C GLY A 44 -3.60 -19.34 5.27
N LEU A 45 -2.52 -18.62 4.99
CA LEU A 45 -2.51 -17.70 3.87
C LEU A 45 -2.19 -18.41 2.56
N ALA A 46 -1.14 -19.23 2.57
CA ALA A 46 -0.77 -19.98 1.37
C ALA A 46 -1.91 -20.87 0.89
N GLN A 47 -2.74 -21.34 1.80
CA GLN A 47 -3.89 -22.19 1.49
C GLN A 47 -5.01 -21.42 0.82
N ARG A 48 -5.11 -20.12 1.04
CA ARG A 48 -6.07 -19.26 0.37
C ARG A 48 -5.51 -18.66 -0.91
N CYS A 49 -4.36 -19.15 -1.39
CA CYS A 49 -3.68 -18.58 -2.54
C CYS A 49 -3.65 -19.60 -3.68
N LYS A 50 -3.84 -19.11 -4.90
CA LYS A 50 -3.69 -19.95 -6.09
C LYS A 50 -2.20 -20.25 -6.29
N ALA A 51 -1.80 -21.48 -6.03
CA ALA A 51 -0.38 -21.86 -6.05
C ALA A 51 0.05 -22.12 -7.49
N VAL A 52 0.38 -21.03 -8.18
CA VAL A 52 0.92 -21.16 -9.53
C VAL A 52 2.30 -21.81 -9.47
N PRO A 53 2.62 -22.74 -10.36
CA PRO A 53 3.92 -23.42 -10.28
C PRO A 53 5.07 -22.54 -10.77
N VAL A 54 6.28 -22.93 -10.34
CA VAL A 54 7.51 -22.26 -10.73
C VAL A 54 8.01 -22.88 -12.03
N ARG A 55 8.69 -22.06 -12.83
CA ARG A 55 9.32 -22.52 -14.06
C ARG A 55 10.71 -21.92 -14.16
N GLN A 56 11.48 -22.40 -15.13
CA GLN A 56 12.78 -21.82 -15.44
C GLN A 56 12.61 -20.74 -16.49
N ALA A 57 13.27 -19.60 -16.29
CA ALA A 57 13.25 -18.54 -17.28
C ALA A 57 14.11 -18.93 -18.47
N THR A 58 13.58 -18.70 -19.68
CA THR A 58 14.30 -19.08 -20.89
C THR A 58 15.51 -18.16 -21.11
N GLU A 59 16.41 -18.61 -21.98
CA GLU A 59 17.61 -17.82 -22.26
C GLU A 59 17.25 -16.47 -22.85
N GLN A 60 16.27 -16.43 -23.76
CA GLN A 60 15.84 -15.15 -24.33
C GLN A 60 15.28 -14.23 -23.25
N GLU A 61 14.51 -14.79 -22.32
CA GLU A 61 13.98 -13.99 -21.22
C GLU A 61 15.09 -13.48 -20.31
N ILE A 62 16.11 -14.31 -20.07
CA ILE A 62 17.24 -13.88 -19.25
C ILE A 62 18.01 -12.77 -19.96
N LEU A 63 18.09 -12.83 -21.28
CA LEU A 63 18.78 -11.78 -22.03
C LEU A 63 17.96 -10.51 -22.17
N LEU A 64 16.72 -10.48 -21.70
CA LEU A 64 15.96 -9.24 -21.68
C LEU A 64 16.65 -8.19 -20.83
N ALA A 65 17.37 -8.62 -19.78
CA ALA A 65 18.00 -7.69 -18.86
C ALA A 65 19.49 -7.93 -18.66
N HIS A 66 20.07 -8.94 -19.32
CA HIS A 66 21.47 -9.27 -19.11
C HIS A 66 22.15 -9.57 -20.43
N SER A 67 23.47 -9.41 -20.45
CA SER A 67 24.26 -9.65 -21.63
C SER A 67 24.51 -11.15 -21.81
N GLU A 68 24.80 -11.54 -23.05
CA GLU A 68 25.13 -12.93 -23.33
C GLU A 68 26.42 -13.35 -22.64
N GLU A 69 27.35 -12.42 -22.45
CA GLU A 69 28.62 -12.73 -21.78
C GLU A 69 28.38 -13.10 -20.32
N TYR A 70 27.56 -12.33 -19.62
CA TYR A 70 27.28 -12.62 -18.22
C TYR A 70 26.43 -13.88 -18.08
N LEU A 71 25.46 -14.07 -18.98
CA LEU A 71 24.67 -15.30 -18.95
C LEU A 71 25.56 -16.52 -19.16
N GLU A 72 26.52 -16.43 -20.08
CA GLU A 72 27.42 -17.56 -20.31
C GLU A 72 28.36 -17.76 -19.14
N ALA A 73 28.78 -16.67 -18.48
CA ALA A 73 29.60 -16.79 -17.29
C ALA A 73 28.85 -17.54 -16.19
N VAL A 74 27.61 -17.14 -15.93
CA VAL A 74 26.84 -17.79 -14.86
C VAL A 74 26.49 -19.22 -15.25
N LYS A 75 26.28 -19.48 -16.54
CA LYS A 75 25.86 -20.80 -17.00
C LYS A 75 26.88 -21.89 -16.64
N GLN A 76 28.14 -21.50 -16.39
CA GLN A 76 29.18 -22.45 -16.04
C GLN A 76 29.35 -22.62 -14.53
N THR A 77 28.60 -21.87 -13.72
CA THR A 77 28.72 -22.01 -12.27
C THR A 77 28.26 -23.39 -11.79
N PRO A 78 27.23 -24.01 -12.40
CA PRO A 78 27.07 -25.46 -12.20
C PRO A 78 28.16 -26.18 -12.98
N GLY A 79 29.01 -26.90 -12.27
CA GLY A 79 30.20 -27.47 -12.85
C GLY A 79 31.50 -26.92 -12.31
N MET A 80 31.45 -26.18 -11.21
CA MET A 80 32.65 -25.67 -10.54
C MET A 80 32.76 -26.31 -9.16
N ASN A 81 34.00 -26.57 -8.73
CA ASN A 81 34.20 -27.00 -7.36
C ASN A 81 34.13 -25.79 -6.42
N VAL A 82 34.37 -26.01 -5.14
CA VAL A 82 34.25 -24.92 -4.18
C VAL A 82 35.33 -23.87 -4.38
N GLU A 83 36.54 -24.29 -4.77
CA GLU A 83 37.60 -23.32 -5.06
C GLU A 83 37.24 -22.45 -6.26
N GLU A 84 36.73 -23.08 -7.33
CA GLU A 84 36.32 -22.31 -8.50
C GLU A 84 35.12 -21.42 -8.19
N LEU A 85 34.18 -21.91 -7.36
CA LEU A 85 33.05 -21.08 -6.95
C LEU A 85 33.52 -19.87 -6.16
N MET A 86 34.48 -20.05 -5.27
CA MET A 86 35.03 -18.94 -4.52
C MET A 86 35.69 -17.93 -5.45
N ALA A 87 36.53 -18.42 -6.37
CA ALA A 87 37.20 -17.52 -7.30
C ALA A 87 36.21 -16.75 -8.16
N PHE A 88 35.13 -17.39 -8.59
CA PHE A 88 34.12 -16.70 -9.40
C PHE A 88 33.39 -15.65 -8.56
N SER A 89 32.92 -16.04 -7.37
CA SER A 89 32.21 -15.10 -6.51
C SER A 89 33.07 -13.90 -6.15
N LYS A 90 34.39 -14.08 -6.12
CA LYS A 90 35.28 -12.94 -5.86
C LYS A 90 35.22 -11.89 -6.96
N LYS A 91 34.82 -12.27 -8.18
CA LYS A 91 34.75 -11.32 -9.29
C LYS A 91 33.65 -10.28 -9.14
N TYR A 92 32.73 -10.46 -8.20
CA TYR A 92 31.59 -9.57 -8.06
C TYR A 92 31.47 -9.12 -6.61
N ASN A 93 30.53 -8.21 -6.36
CA ASN A 93 30.45 -7.50 -5.09
C ASN A 93 29.31 -8.05 -4.24
N ALA A 94 29.65 -8.57 -3.06
CA ALA A 94 28.69 -8.98 -2.05
C ALA A 94 27.79 -10.12 -2.55
N VAL A 95 28.42 -11.13 -3.16
CA VAL A 95 27.68 -12.26 -3.70
C VAL A 95 28.54 -13.50 -3.62
N TYR A 96 27.89 -14.64 -3.36
CA TYR A 96 28.51 -15.94 -3.43
C TYR A 96 27.78 -16.77 -4.48
N PHE A 97 28.41 -17.86 -4.90
CA PHE A 97 27.84 -18.72 -5.92
C PHE A 97 27.80 -20.16 -5.45
N HIS A 98 26.84 -20.90 -6.00
CA HIS A 98 26.58 -22.28 -5.63
C HIS A 98 26.36 -23.08 -6.90
N GLN A 99 26.52 -24.40 -6.79
CA GLN A 99 26.33 -25.25 -7.96
C GLN A 99 24.89 -25.22 -8.45
N ASN A 100 23.95 -24.93 -7.56
CA ASN A 100 22.54 -24.87 -7.90
C ASN A 100 22.02 -23.45 -8.01
N ILE A 101 22.88 -22.44 -7.83
CA ILE A 101 22.39 -21.06 -7.78
C ILE A 101 22.00 -20.56 -9.18
N TYR A 102 22.61 -21.11 -10.23
CA TYR A 102 22.16 -20.77 -11.58
C TYR A 102 20.76 -21.31 -11.82
N HIS A 103 20.54 -22.58 -11.47
CA HIS A 103 19.20 -23.16 -11.57
C HIS A 103 18.21 -22.39 -10.73
N CYS A 104 18.58 -22.05 -9.49
CA CYS A 104 17.67 -21.35 -8.60
C CYS A 104 17.40 -19.93 -9.08
N ALA A 105 18.36 -19.29 -9.74
CA ALA A 105 18.12 -17.97 -10.30
C ALA A 105 17.18 -18.04 -11.49
N LYS A 106 17.35 -19.06 -12.34
CA LYS A 106 16.38 -19.31 -13.39
C LYS A 106 15.00 -19.54 -12.81
N LEU A 107 14.93 -20.24 -11.66
CA LEU A 107 13.66 -20.50 -11.02
C LEU A 107 13.04 -19.22 -10.46
N ALA A 108 13.86 -18.35 -9.86
CA ALA A 108 13.34 -17.10 -9.33
C ALA A 108 12.82 -16.20 -10.44
N ALA A 109 13.58 -16.09 -11.53
CA ALA A 109 13.13 -15.30 -12.68
C ALA A 109 11.85 -15.89 -13.27
N GLY A 110 11.81 -17.20 -13.46
CA GLY A 110 10.62 -17.84 -13.99
C GLY A 110 9.43 -17.74 -13.06
N ALA A 111 9.67 -17.70 -11.76
CA ALA A 111 8.58 -17.53 -10.81
C ALA A 111 8.01 -16.12 -10.87
N THR A 112 8.89 -15.12 -10.98
CA THR A 112 8.44 -13.76 -11.21
C THR A 112 7.64 -13.66 -12.50
N LEU A 113 8.11 -14.33 -13.56
CA LEU A 113 7.39 -14.30 -14.83
C LEU A 113 6.06 -15.02 -14.73
N GLN A 114 6.00 -16.09 -13.94
CA GLN A 114 4.73 -16.76 -13.68
C GLN A 114 3.76 -15.84 -12.96
N LEU A 115 4.27 -15.06 -12.02
CA LEU A 115 3.41 -14.09 -11.34
C LEU A 115 2.87 -13.05 -12.31
N VAL A 116 3.74 -12.54 -13.18
CA VAL A 116 3.32 -11.52 -14.15
C VAL A 116 2.29 -12.11 -15.11
N ASP A 117 2.51 -13.35 -15.57
CA ASP A 117 1.55 -13.99 -16.45
C ASP A 117 0.23 -14.23 -15.73
N SER A 118 0.27 -14.68 -14.48
CA SER A 118 -0.94 -14.97 -13.73
C SER A 118 -1.77 -13.71 -13.54
N VAL A 119 -1.12 -12.59 -13.26
CA VAL A 119 -1.84 -11.35 -13.02
C VAL A 119 -2.34 -10.74 -14.32
N MET A 120 -1.45 -10.58 -15.30
CA MET A 120 -1.83 -9.89 -16.53
C MET A 120 -2.85 -10.69 -17.33
N LYS A 121 -2.83 -12.02 -17.24
CA LYS A 121 -3.84 -12.83 -17.92
C LYS A 121 -5.14 -12.94 -17.14
N ARG A 122 -5.31 -12.13 -16.10
CA ARG A 122 -6.52 -12.04 -15.28
C ARG A 122 -6.86 -13.35 -14.57
N GLU A 123 -5.93 -14.30 -14.52
CA GLU A 123 -6.16 -15.52 -13.75
C GLU A 123 -6.19 -15.23 -12.26
N VAL A 124 -5.50 -14.18 -11.81
CA VAL A 124 -5.57 -13.67 -10.45
C VAL A 124 -5.53 -12.14 -10.52
N ARG A 125 -5.94 -11.50 -9.43
CA ARG A 125 -5.87 -10.04 -9.38
C ARG A 125 -4.50 -9.56 -8.93
N ASN A 126 -3.90 -10.22 -7.95
CA ASN A 126 -2.60 -9.84 -7.44
C ASN A 126 -1.77 -11.11 -7.26
N GLY A 127 -0.68 -11.00 -6.50
CA GLY A 127 0.15 -12.14 -6.23
C GLY A 127 1.52 -11.81 -5.64
N MET A 128 2.14 -12.80 -5.01
CA MET A 128 3.44 -12.64 -4.39
C MET A 128 4.34 -13.81 -4.80
N ALA A 129 5.60 -13.49 -5.09
CA ALA A 129 6.59 -14.50 -5.46
C ALA A 129 7.57 -14.66 -4.29
N LEU A 130 7.69 -15.87 -3.78
CA LEU A 130 8.68 -16.20 -2.75
C LEU A 130 9.88 -16.82 -3.47
N VAL A 131 10.85 -15.98 -3.80
CA VAL A 131 11.98 -16.38 -4.62
C VAL A 131 13.26 -16.31 -3.79
N ARG A 132 14.35 -16.80 -4.39
CA ARG A 132 15.71 -16.74 -3.87
C ARG A 132 16.61 -17.32 -4.96
N PRO A 133 17.66 -16.60 -5.39
CA PRO A 133 18.17 -15.31 -4.91
C PRO A 133 17.33 -14.10 -5.30
N PRO A 134 17.53 -12.96 -4.62
CA PRO A 134 16.85 -11.72 -5.01
C PRO A 134 17.33 -11.19 -6.35
N GLY A 135 16.94 -9.95 -6.68
CA GLY A 135 17.21 -9.45 -8.01
C GLY A 135 17.60 -7.99 -8.16
N HIS A 136 17.08 -7.10 -7.31
CA HIS A 136 17.17 -5.66 -7.60
C HIS A 136 18.61 -5.15 -7.68
N HIS A 137 19.57 -5.83 -7.05
CA HIS A 137 20.97 -5.42 -7.17
C HIS A 137 21.64 -5.99 -8.41
N SER A 138 21.06 -7.02 -9.02
CA SER A 138 21.65 -7.61 -10.20
C SER A 138 21.71 -6.60 -11.34
N GLN A 139 22.78 -6.66 -12.12
CA GLN A 139 23.00 -5.73 -13.22
C GLN A 139 23.20 -6.50 -14.52
N ARG A 140 23.29 -5.76 -15.62
CA ARG A 140 23.30 -6.38 -16.94
CA ARG A 140 23.30 -6.38 -16.94
C ARG A 140 24.42 -7.40 -17.08
N SER A 141 25.59 -7.12 -16.50
CA SER A 141 26.72 -8.02 -16.66
C SER A 141 27.42 -8.36 -15.34
N ALA A 142 26.73 -8.24 -14.20
CA ALA A 142 27.40 -8.52 -12.94
C ALA A 142 26.39 -8.94 -11.88
N ALA A 143 26.69 -10.04 -11.19
CA ALA A 143 26.00 -10.35 -9.95
C ALA A 143 26.38 -9.34 -8.88
N ASN A 144 25.44 -9.05 -8.00
CA ASN A 144 25.67 -8.01 -7.01
C ASN A 144 24.69 -8.17 -5.86
N GLY A 145 25.17 -7.95 -4.64
CA GLY A 145 24.35 -7.94 -3.45
C GLY A 145 23.35 -9.07 -3.36
N PHE A 146 23.85 -10.31 -3.38
CA PHE A 146 23.06 -11.54 -3.27
C PHE A 146 22.15 -11.76 -4.46
N CYS A 147 22.34 -11.06 -5.57
CA CYS A 147 21.49 -11.16 -6.75
C CYS A 147 22.31 -11.66 -7.92
N VAL A 148 21.81 -12.69 -8.60
CA VAL A 148 22.45 -13.19 -9.81
C VAL A 148 21.77 -12.55 -11.02
N PHE A 149 20.46 -12.78 -11.14
CA PHE A 149 19.64 -12.16 -12.17
C PHE A 149 18.62 -11.24 -11.53
N ASN A 150 18.19 -10.22 -12.27
CA ASN A 150 17.29 -9.21 -11.74
C ASN A 150 15.85 -9.61 -12.04
N ASN A 151 15.17 -10.16 -11.03
CA ASN A 151 13.82 -10.69 -11.22
C ASN A 151 12.83 -9.59 -11.58
N VAL A 152 12.90 -8.44 -10.90
CA VAL A 152 11.88 -7.43 -11.08
C VAL A 152 12.07 -6.69 -12.39
N ALA A 153 13.32 -6.47 -12.80
CA ALA A 153 13.57 -5.94 -14.14
C ALA A 153 13.04 -6.89 -15.21
N PHE A 154 13.25 -8.20 -15.00
CA PHE A 154 12.64 -9.21 -15.86
C PHE A 154 11.13 -9.03 -15.93
N ALA A 155 10.49 -8.85 -14.78
CA ALA A 155 9.04 -8.71 -14.73
C ALA A 155 8.58 -7.49 -15.54
N ALA A 156 9.24 -6.35 -15.32
CA ALA A 156 8.84 -5.12 -16.00
C ALA A 156 9.02 -5.25 -17.51
N LEU A 157 10.18 -5.73 -17.95
CA LEU A 157 10.41 -5.89 -19.38
C LEU A 157 9.49 -6.93 -19.99
N TYR A 158 9.15 -7.97 -19.24
CA TYR A 158 8.22 -8.99 -19.70
C TYR A 158 6.83 -8.41 -19.93
N ALA A 159 6.36 -7.61 -18.96
CA ALA A 159 5.07 -6.95 -19.12
C ALA A 159 5.09 -5.97 -20.28
N LYS A 160 6.19 -5.27 -20.47
CA LYS A 160 6.28 -4.33 -21.58
C LYS A 160 6.26 -5.05 -22.93
N LYS A 161 6.94 -6.20 -23.01
CA LYS A 161 7.06 -6.90 -24.29
C LYS A 161 5.79 -7.69 -24.62
N ASN A 162 5.44 -8.64 -23.75
CA ASN A 162 4.38 -9.59 -24.07
C ASN A 162 2.98 -9.04 -23.84
N TYR A 163 2.83 -8.03 -22.99
CA TYR A 163 1.53 -7.44 -22.72
C TYR A 163 1.43 -6.00 -23.21
N ASN A 164 2.47 -5.49 -23.88
CA ASN A 164 2.43 -4.19 -24.56
C ASN A 164 2.03 -3.06 -23.63
N LEU A 165 2.54 -3.11 -22.41
CA LEU A 165 2.26 -2.07 -21.44
C LEU A 165 3.17 -0.85 -21.67
N ASN A 166 2.65 0.32 -21.33
CA ASN A 166 3.39 1.57 -21.51
C ASN A 166 3.67 2.28 -20.20
N ARG A 167 3.10 1.83 -19.08
CA ARG A 167 3.33 2.43 -17.77
C ARG A 167 3.33 1.33 -16.73
N ILE A 168 4.49 1.07 -16.14
CA ILE A 168 4.66 0.05 -15.11
C ILE A 168 5.39 0.70 -13.93
N LEU A 169 4.85 0.55 -12.73
CA LEU A 169 5.44 1.13 -11.53
C LEU A 169 6.16 0.05 -10.72
N ILE A 170 7.45 0.24 -10.50
CA ILE A 170 8.24 -0.61 -9.62
C ILE A 170 8.45 0.12 -8.30
N VAL A 171 8.15 -0.56 -7.20
CA VAL A 171 8.29 0.00 -5.86
C VAL A 171 9.27 -0.88 -5.09
N ASP A 172 10.42 -0.32 -4.73
CA ASP A 172 11.48 -1.03 -4.02
C ASP A 172 11.51 -0.51 -2.58
N TRP A 173 10.81 -1.22 -1.69
CA TRP A 173 10.86 -0.94 -0.27
C TRP A 173 11.86 -1.81 0.47
N ASP A 174 12.72 -2.53 -0.26
CA ASP A 174 13.89 -3.12 0.37
C ASP A 174 14.81 -2.02 0.89
N VAL A 175 15.46 -2.29 2.03
CA VAL A 175 16.26 -1.25 2.68
C VAL A 175 17.51 -0.89 1.89
N HIS A 176 17.92 -1.73 0.95
CA HIS A 176 19.02 -1.42 0.06
C HIS A 176 18.50 -0.84 -1.25
N HIS A 177 19.39 -0.14 -1.96
CA HIS A 177 19.02 0.64 -3.13
C HIS A 177 18.37 -0.23 -4.20
N GLY A 178 19.16 -0.90 -5.01
CA GLY A 178 18.62 -1.57 -6.16
C GLY A 178 19.13 -0.91 -7.43
N GLN A 179 20.44 -0.71 -7.48
CA GLN A 179 21.06 -0.06 -8.63
C GLN A 179 20.73 -0.79 -9.93
N GLY A 180 20.46 -2.08 -9.86
CA GLY A 180 20.17 -2.83 -11.07
C GLY A 180 18.92 -2.34 -11.76
N ILE A 181 17.83 -2.21 -11.02
CA ILE A 181 16.57 -1.75 -11.61
C ILE A 181 16.72 -0.34 -12.14
N GLN A 182 17.35 0.54 -11.35
CA GLN A 182 17.60 1.90 -11.79
C GLN A 182 18.35 1.93 -13.11
N TYR A 183 19.52 1.29 -13.15
CA TYR A 183 20.30 1.22 -14.38
C TYR A 183 19.47 0.68 -15.53
N CYS A 184 18.65 -0.34 -15.26
CA CYS A 184 17.87 -0.96 -16.33
C CYS A 184 16.83 -0.01 -16.90
N PHE A 185 16.26 0.88 -16.07
CA PHE A 185 15.20 1.76 -16.54
C PHE A 185 15.48 3.24 -16.30
N GLU A 186 16.74 3.63 -16.08
CA GLU A 186 17.02 5.04 -15.80
C GLU A 186 16.71 5.95 -16.98
N GLU A 187 16.72 5.42 -18.20
CA GLU A 187 16.36 6.20 -19.37
C GLU A 187 14.97 5.86 -19.91
N ASP A 188 14.43 4.71 -19.53
CA ASP A 188 13.11 4.30 -20.00
C ASP A 188 12.03 5.03 -19.22
N PRO A 189 11.20 5.85 -19.86
CA PRO A 189 10.13 6.54 -19.13
C PRO A 189 8.90 5.68 -18.89
N SER A 190 8.81 4.50 -19.49
CA SER A 190 7.64 3.65 -19.33
C SER A 190 7.67 2.82 -18.05
N VAL A 191 8.76 2.87 -17.29
CA VAL A 191 8.88 2.12 -16.05
C VAL A 191 9.31 3.10 -14.96
N LEU A 192 8.38 3.42 -14.05
CA LEU A 192 8.62 4.37 -12.98
C LEU A 192 9.16 3.63 -11.77
N TYR A 193 10.43 3.83 -11.45
CA TYR A 193 11.11 3.14 -10.36
C TYR A 193 11.18 4.05 -9.15
N PHE A 194 10.46 3.69 -8.09
CA PHE A 194 10.64 4.29 -6.78
C PHE A 194 11.44 3.33 -5.92
N SER A 195 12.35 3.88 -5.11
CA SER A 195 13.12 3.04 -4.20
C SER A 195 13.48 3.85 -2.98
N TRP A 196 13.15 3.36 -1.80
CA TRP A 196 13.70 3.96 -0.59
C TRP A 196 14.79 3.06 -0.04
N HIS A 197 15.84 3.66 0.51
CA HIS A 197 16.97 2.83 0.87
C HIS A 197 17.81 3.50 1.95
N ARG A 198 18.35 2.68 2.86
CA ARG A 198 19.35 3.15 3.78
C ARG A 198 20.57 3.64 3.02
N TYR A 199 20.86 4.94 3.15
CA TYR A 199 21.93 5.59 2.42
C TYR A 199 23.03 6.07 3.34
N GLU A 200 22.66 6.77 4.42
CA GLU A 200 23.61 7.34 5.36
C GLU A 200 24.68 8.14 4.63
N HIS A 201 24.23 9.04 3.77
CA HIS A 201 25.10 9.96 3.04
C HIS A 201 26.19 9.18 2.28
N GLN A 202 25.78 8.10 1.62
CA GLN A 202 26.58 7.24 0.75
C GLN A 202 27.51 6.34 1.54
N SER A 203 27.50 6.37 2.86
CA SER A 203 28.38 5.51 3.64
C SER A 203 27.88 4.08 3.75
N PHE A 204 26.66 3.79 3.29
CA PHE A 204 26.09 2.47 3.40
C PHE A 204 26.06 1.78 2.03
N TRP A 205 26.25 0.47 2.05
CA TRP A 205 26.29 -0.31 0.83
C TRP A 205 25.00 -0.10 0.03
N PRO A 206 25.07 -0.02 -1.30
CA PRO A 206 26.26 -0.16 -2.17
C PRO A 206 27.16 1.08 -2.32
N ASN A 207 26.97 2.11 -1.50
CA ASN A 207 27.85 3.29 -1.48
C ASN A 207 27.96 3.93 -2.86
N LEU A 208 26.81 4.37 -3.37
CA LEU A 208 26.79 4.97 -4.70
C LEU A 208 26.28 6.40 -4.64
N PRO A 209 26.92 7.32 -5.37
CA PRO A 209 26.34 8.68 -5.46
C PRO A 209 25.01 8.69 -6.19
N GLU A 210 24.80 7.76 -7.12
CA GLU A 210 23.55 7.70 -7.88
C GLU A 210 22.40 7.09 -7.09
N SER A 211 22.61 6.72 -5.83
CA SER A 211 21.51 6.33 -4.96
C SER A 211 20.90 7.53 -4.24
N ASP A 212 21.40 8.72 -4.51
CA ASP A 212 20.94 9.94 -3.85
C ASP A 212 19.66 10.44 -4.52
N TYR A 213 19.00 11.39 -3.86
CA TYR A 213 17.78 11.99 -4.40
C TYR A 213 18.03 12.71 -5.72
N SER A 214 19.28 13.06 -6.01
CA SER A 214 19.60 13.79 -7.23
C SER A 214 19.40 12.96 -8.49
N SER A 215 19.39 11.64 -8.37
CA SER A 215 19.23 10.76 -9.54
C SER A 215 17.75 10.65 -9.85
N VAL A 216 17.32 11.36 -10.90
CA VAL A 216 15.92 11.47 -11.27
C VAL A 216 15.61 10.81 -12.60
N GLY A 217 16.59 10.17 -13.23
CA GLY A 217 16.47 9.60 -14.55
C GLY A 217 17.56 10.10 -15.44
N LYS A 218 17.38 9.89 -16.75
CA LYS A 218 18.37 10.33 -17.72
C LYS A 218 17.68 10.50 -19.07
N GLY A 219 17.66 11.74 -19.58
CA GLY A 219 17.02 12.02 -20.84
C GLY A 219 15.53 11.85 -20.81
N LYS A 220 15.01 10.94 -21.66
CA LYS A 220 13.57 10.74 -21.72
C LYS A 220 13.01 10.24 -20.40
N GLY A 221 13.78 9.42 -19.68
CA GLY A 221 13.37 8.88 -18.41
C GLY A 221 13.53 9.80 -17.23
N SER A 222 13.85 11.07 -17.45
CA SER A 222 14.04 12.01 -16.35
C SER A 222 12.73 12.25 -15.63
N GLY A 223 12.76 12.15 -14.29
CA GLY A 223 11.55 12.20 -13.50
C GLY A 223 10.93 10.84 -13.22
N PHE A 224 11.45 9.77 -13.84
CA PHE A 224 10.91 8.44 -13.65
C PHE A 224 11.82 7.54 -12.81
N ASN A 225 12.90 8.09 -12.27
CA ASN A 225 13.68 7.44 -11.22
C ASN A 225 13.56 8.28 -9.97
N ILE A 226 13.12 7.66 -8.87
CA ILE A 226 12.84 8.36 -7.63
C ILE A 226 13.51 7.60 -6.50
N ASN A 227 14.65 8.11 -6.03
CA ASN A 227 15.37 7.55 -4.89
C ASN A 227 15.04 8.37 -3.65
N LEU A 228 14.72 7.67 -2.56
CA LEU A 228 14.53 8.29 -1.25
C LEU A 228 15.59 7.74 -0.30
N PRO A 229 16.61 8.51 0.01
CA PRO A 229 17.68 8.01 0.87
C PRO A 229 17.43 8.29 2.34
N TRP A 230 17.46 7.24 3.17
CA TRP A 230 17.45 7.41 4.62
C TRP A 230 18.88 7.65 5.07
N ASN A 231 19.16 8.85 5.58
CA ASN A 231 20.49 9.20 6.04
C ASN A 231 20.66 8.96 7.54
N LYS A 232 19.79 8.14 8.12
CA LYS A 232 19.92 7.69 9.50
C LYS A 232 19.12 6.39 9.63
N VAL A 233 19.55 5.55 10.56
CA VAL A 233 18.81 4.30 10.80
C VAL A 233 17.75 4.56 11.86
N GLY A 234 16.87 3.59 12.07
CA GLY A 234 15.79 3.75 13.02
C GLY A 234 14.52 4.35 12.44
N MET A 235 14.37 4.32 11.11
CA MET A 235 13.17 4.87 10.49
C MET A 235 11.95 4.07 10.89
N THR A 236 10.96 4.75 11.46
CA THR A 236 9.78 4.10 12.00
C THR A 236 8.66 4.11 10.96
N ASN A 237 7.47 3.68 11.39
CA ASN A 237 6.32 3.64 10.49
C ASN A 237 5.94 5.04 10.01
N SER A 238 6.11 6.05 10.86
CA SER A 238 5.81 7.42 10.45
C SER A 238 6.66 7.84 9.27
N ASP A 239 7.95 7.46 9.27
CA ASP A 239 8.83 7.80 8.17
C ASP A 239 8.38 7.13 6.88
N TYR A 240 8.08 5.83 6.94
CA TYR A 240 7.67 5.09 5.75
C TYR A 240 6.35 5.63 5.19
N LEU A 241 5.41 5.94 6.07
CA LEU A 241 4.12 6.43 5.61
C LEU A 241 4.22 7.87 5.11
N ALA A 242 5.09 8.69 5.70
CA ALA A 242 5.34 10.00 5.13
C ALA A 242 5.95 9.88 3.74
N ALA A 243 6.86 8.92 3.56
CA ALA A 243 7.40 8.64 2.24
C ALA A 243 6.29 8.30 1.25
N PHE A 244 5.41 7.38 1.63
CA PHE A 244 4.32 6.97 0.74
C PHE A 244 3.40 8.15 0.43
N PHE A 245 2.90 8.82 1.46
CA PHE A 245 1.89 9.87 1.26
C PHE A 245 2.45 11.05 0.49
N HIS A 246 3.70 11.42 0.74
CA HIS A 246 4.24 12.68 0.26
C HIS A 246 5.23 12.52 -0.89
N VAL A 247 5.57 11.29 -1.29
CA VAL A 247 6.47 11.09 -2.41
C VAL A 247 5.90 10.04 -3.36
N LEU A 248 5.75 8.82 -2.87
CA LEU A 248 5.41 7.70 -3.75
C LEU A 248 3.99 7.83 -4.30
N LEU A 249 2.99 7.83 -3.42
CA LEU A 249 1.61 7.80 -3.87
C LEU A 249 1.21 8.97 -4.78
N PRO A 250 1.62 10.22 -4.54
CA PRO A 250 1.25 11.31 -5.46
C PRO A 250 1.68 11.07 -6.89
N VAL A 251 2.99 10.84 -7.07
CA VAL A 251 3.49 10.59 -8.43
C VAL A 251 2.95 9.28 -8.97
N ALA A 252 2.59 8.34 -8.09
CA ALA A 252 2.07 7.07 -8.56
C ALA A 252 0.68 7.25 -9.18
N TYR A 253 -0.21 7.91 -8.46
CA TYR A 253 -1.55 8.14 -8.98
C TYR A 253 -1.55 9.14 -10.14
N GLU A 254 -0.59 10.07 -10.17
CA GLU A 254 -0.43 10.91 -11.35
C GLU A 254 0.07 10.10 -12.53
N PHE A 255 0.88 9.07 -12.27
CA PHE A 255 1.45 8.22 -13.31
C PHE A 255 0.43 7.24 -13.86
N ASP A 256 -0.51 6.77 -13.02
CA ASP A 256 -1.49 5.76 -13.37
C ASP A 256 -0.82 4.55 -14.00
N PRO A 257 -0.15 3.72 -13.20
CA PRO A 257 0.55 2.56 -13.78
C PRO A 257 -0.41 1.46 -14.17
N GLU A 258 -0.12 0.82 -15.30
CA GLU A 258 -0.92 -0.31 -15.74
C GLU A 258 -0.58 -1.59 -14.98
N LEU A 259 0.57 -1.63 -14.30
CA LEU A 259 0.97 -2.80 -13.52
C LEU A 259 1.94 -2.35 -12.44
N VAL A 260 1.70 -2.80 -11.21
CA VAL A 260 2.57 -2.50 -10.08
C VAL A 260 3.38 -3.74 -9.75
N ILE A 261 4.69 -3.59 -9.63
CA ILE A 261 5.60 -4.64 -9.25
C ILE A 261 6.38 -4.17 -8.03
N VAL A 262 6.41 -4.99 -6.98
CA VAL A 262 7.02 -4.61 -5.71
C VAL A 262 8.25 -5.48 -5.48
N SER A 263 9.41 -4.83 -5.37
CA SER A 263 10.61 -5.46 -4.83
C SER A 263 10.44 -5.51 -3.31
N ALA A 264 9.72 -6.53 -2.86
CA ALA A 264 9.37 -6.65 -1.44
C ALA A 264 10.53 -7.30 -0.70
N GLY A 265 11.55 -6.49 -0.44
CA GLY A 265 12.58 -6.85 0.53
C GLY A 265 12.15 -6.38 1.91
N PHE A 266 12.32 -7.24 2.90
CA PHE A 266 11.84 -6.95 4.25
C PHE A 266 12.99 -6.69 5.23
N ASP A 267 14.16 -6.33 4.71
CA ASP A 267 15.20 -5.82 5.60
C ASP A 267 14.92 -4.39 6.05
N SER A 268 13.88 -3.77 5.50
CA SER A 268 13.38 -2.48 5.97
C SER A 268 12.47 -2.62 7.19
N ALA A 269 12.36 -3.81 7.77
CA ALA A 269 11.52 -4.05 8.91
C ALA A 269 12.33 -4.02 10.20
N ILE A 270 11.62 -3.90 11.32
CA ILE A 270 12.27 -3.86 12.61
C ILE A 270 12.99 -5.18 12.86
N GLY A 271 14.16 -5.11 13.49
CA GLY A 271 14.91 -6.28 13.86
C GLY A 271 15.90 -6.77 12.82
N ASP A 272 15.82 -6.31 11.59
CA ASP A 272 16.75 -6.77 10.56
C ASP A 272 18.15 -6.21 10.82
N PRO A 273 19.19 -7.03 10.67
CA PRO A 273 20.55 -6.57 11.01
C PRO A 273 21.20 -5.69 9.96
N GLU A 274 20.61 -5.54 8.78
CA GLU A 274 21.15 -4.69 7.73
C GLU A 274 20.48 -3.32 7.70
N GLY A 275 19.14 -3.30 7.71
CA GLY A 275 18.42 -2.04 7.66
C GLY A 275 18.50 -1.27 8.96
N GLU A 276 18.38 -1.97 10.09
CA GLU A 276 18.37 -1.35 11.42
C GLU A 276 17.30 -0.29 11.55
N MET A 277 16.21 -0.46 10.82
CA MET A 277 15.04 0.41 10.93
C MET A 277 14.08 -0.13 11.98
N CYS A 278 13.11 0.68 12.34
CA CYS A 278 12.16 0.35 13.41
C CYS A 278 10.73 0.34 12.89
N ALA A 279 10.55 -0.13 11.66
CA ALA A 279 9.22 -0.28 11.09
C ALA A 279 8.65 -1.64 11.45
N LEU A 280 7.45 -1.63 12.03
CA LEU A 280 6.80 -2.88 12.39
C LEU A 280 6.32 -3.60 11.13
N PRO A 281 6.27 -4.93 11.16
CA PRO A 281 5.85 -5.68 9.96
C PRO A 281 4.46 -5.30 9.48
N GLU A 282 3.57 -4.91 10.39
CA GLU A 282 2.21 -4.49 10.01
C GLU A 282 2.23 -3.44 8.91
N ILE A 283 3.27 -2.59 8.89
CA ILE A 283 3.32 -1.52 7.90
C ILE A 283 3.27 -2.08 6.48
N PHE A 284 3.86 -3.26 6.25
CA PHE A 284 3.89 -3.81 4.91
C PHE A 284 2.51 -4.23 4.44
N ALA A 285 1.57 -4.42 5.37
CA ALA A 285 0.17 -4.45 4.99
C ALA A 285 -0.23 -3.15 4.30
N HIS A 286 -0.15 -2.05 5.05
CA HIS A 286 -0.68 -0.77 4.58
C HIS A 286 0.03 -0.32 3.30
N LEU A 287 1.37 -0.38 3.28
CA LEU A 287 2.09 -0.13 2.05
C LEU A 287 1.44 -0.86 0.90
N THR A 288 1.33 -2.19 1.02
CA THR A 288 0.64 -2.99 0.01
C THR A 288 -0.75 -2.43 -0.27
N HIS A 289 -1.55 -2.24 0.80
CA HIS A 289 -2.88 -1.70 0.63
C HIS A 289 -2.85 -0.34 -0.05
N LEU A 290 -1.91 0.53 0.35
CA LEU A 290 -1.86 1.86 -0.24
C LEU A 290 -1.50 1.84 -1.72
N LEU A 291 -1.01 0.72 -2.22
CA LEU A 291 -0.75 0.58 -3.65
C LEU A 291 -1.84 -0.20 -4.37
N MET A 292 -2.73 -0.86 -3.64
CA MET A 292 -3.70 -1.74 -4.29
C MET A 292 -4.67 -1.03 -5.23
N PRO A 293 -5.14 0.20 -4.97
CA PRO A 293 -5.99 0.88 -5.97
C PRO A 293 -5.30 1.11 -7.31
N LEU A 294 -3.98 0.99 -7.38
CA LEU A 294 -3.27 1.21 -8.63
C LEU A 294 -3.33 -0.02 -9.53
N ALA A 295 -3.32 0.22 -10.83
CA ALA A 295 -3.27 -0.84 -11.85
C ALA A 295 -4.43 -1.83 -11.71
N ALA A 296 -5.58 -1.35 -11.25
CA ALA A 296 -6.76 -2.20 -11.02
C ALA A 296 -6.42 -3.36 -10.10
N GLY A 297 -5.56 -3.10 -9.12
CA GLY A 297 -5.15 -4.11 -8.16
C GLY A 297 -4.06 -5.04 -8.63
N LYS A 298 -3.63 -4.94 -9.89
CA LYS A 298 -2.64 -5.85 -10.45
C LYS A 298 -1.27 -5.59 -9.84
N MET A 299 -0.96 -6.28 -8.74
CA MET A 299 0.28 -6.09 -8.01
C MET A 299 1.06 -7.40 -7.97
N CYS A 300 2.33 -7.35 -8.35
CA CYS A 300 3.21 -8.51 -8.39
C CYS A 300 4.33 -8.31 -7.37
N VAL A 301 4.07 -8.78 -6.15
CA VAL A 301 5.03 -8.67 -5.06
C VAL A 301 6.11 -9.73 -5.22
N VAL A 302 7.37 -9.31 -5.22
CA VAL A 302 8.51 -10.21 -5.43
C VAL A 302 9.48 -10.06 -4.27
N LEU A 303 9.78 -11.17 -3.62
CA LEU A 303 10.64 -11.16 -2.44
C LEU A 303 12.06 -10.76 -2.81
N GLU A 304 12.63 -9.85 -2.03
CA GLU A 304 14.03 -9.45 -2.18
C GLU A 304 14.79 -9.78 -0.90
N GLY A 305 15.16 -8.76 -0.13
CA GLY A 305 15.87 -8.95 1.11
C GLY A 305 14.93 -9.21 2.28
N GLY A 306 15.50 -9.17 3.48
CA GLY A 306 14.79 -9.53 4.69
C GLY A 306 15.47 -10.67 5.40
N TYR A 307 16.25 -10.36 6.44
CA TYR A 307 17.19 -11.33 6.99
C TYR A 307 17.03 -11.58 8.48
N ASN A 308 16.16 -10.86 9.18
CA ASN A 308 15.70 -11.29 10.50
C ASN A 308 14.50 -12.21 10.27
N LEU A 309 14.68 -13.50 10.57
CA LEU A 309 13.69 -14.50 10.18
C LEU A 309 12.32 -14.20 10.78
N THR A 310 12.29 -13.73 12.01
CA THR A 310 11.02 -13.44 12.67
C THR A 310 10.27 -12.34 11.93
N SER A 311 10.89 -11.16 11.81
CA SER A 311 10.24 -10.06 11.10
C SER A 311 10.05 -10.39 9.64
N LEU A 312 10.90 -11.24 9.06
CA LEU A 312 10.70 -11.67 7.68
C LEU A 312 9.38 -12.41 7.53
N GLY A 313 9.16 -13.43 8.35
CA GLY A 313 7.90 -14.15 8.31
C GLY A 313 6.71 -13.25 8.62
N GLN A 314 6.86 -12.37 9.61
CA GLN A 314 5.75 -11.50 9.99
C GLN A 314 5.39 -10.54 8.87
N SER A 315 6.39 -9.96 8.21
CA SER A 315 6.12 -9.01 7.13
C SER A 315 5.59 -9.71 5.89
N VAL A 316 6.06 -10.93 5.60
CA VAL A 316 5.47 -11.70 4.51
C VAL A 316 4.01 -11.99 4.81
N CYS A 317 3.70 -12.36 6.07
CA CYS A 317 2.32 -12.62 6.44
C CYS A 317 1.46 -11.37 6.29
N GLN A 318 1.96 -10.22 6.74
CA GLN A 318 1.22 -8.98 6.60
C GLN A 318 0.99 -8.65 5.13
N THR A 319 2.02 -8.80 4.30
CA THR A 319 1.89 -8.52 2.87
C THR A 319 0.84 -9.41 2.23
N VAL A 320 0.86 -10.71 2.56
CA VAL A 320 -0.09 -11.63 1.94
C VAL A 320 -1.51 -11.36 2.43
N HIS A 321 -1.66 -11.17 3.75
CA HIS A 321 -2.94 -10.74 4.30
C HIS A 321 -3.50 -9.55 3.53
N SER A 322 -2.65 -8.54 3.29
CA SER A 322 -3.09 -7.36 2.54
C SER A 322 -3.45 -7.72 1.10
N LEU A 323 -2.71 -8.66 0.50
CA LEU A 323 -2.99 -9.06 -0.88
C LEU A 323 -4.33 -9.78 -0.99
N LEU A 324 -4.66 -10.62 -0.01
CA LEU A 324 -5.91 -11.36 -0.01
C LEU A 324 -7.12 -10.51 0.37
N GLY A 325 -6.91 -9.23 0.67
CA GLY A 325 -8.02 -8.36 1.02
C GLY A 325 -8.43 -8.40 2.47
N ASP A 326 -7.58 -8.90 3.36
CA ASP A 326 -7.91 -8.98 4.77
C ASP A 326 -7.87 -7.58 5.41
N PRO A 327 -8.61 -7.39 6.50
CA PRO A 327 -8.60 -6.09 7.19
C PRO A 327 -7.19 -5.70 7.63
N THR A 328 -6.74 -4.55 7.14
CA THR A 328 -5.41 -4.07 7.48
C THR A 328 -5.33 -3.79 8.98
N PRO A 329 -4.19 -4.06 9.62
CA PRO A 329 -4.08 -3.86 11.07
C PRO A 329 -3.92 -2.38 11.39
N ARG A 330 -4.55 -1.97 12.49
CA ARG A 330 -4.45 -0.58 12.92
C ARG A 330 -3.04 -0.27 13.39
N ILE A 331 -2.49 0.82 12.88
CA ILE A 331 -1.17 1.31 13.30
C ILE A 331 -1.39 2.44 14.29
N SER A 332 -0.73 2.37 15.43
CA SER A 332 -0.84 3.37 16.47
C SER A 332 0.46 4.15 16.61
N GLY A 333 0.38 5.27 17.32
CA GLY A 333 1.55 6.07 17.60
C GLY A 333 2.17 6.75 16.40
N LEU A 334 1.42 6.93 15.32
CA LEU A 334 1.95 7.60 14.15
C LEU A 334 2.05 9.10 14.39
N GLY A 335 3.11 9.70 13.87
CA GLY A 335 3.31 11.12 14.02
C GLY A 335 4.16 11.68 12.90
N THR A 336 4.82 12.81 13.15
CA THR A 336 5.69 13.39 12.13
C THR A 336 6.89 12.49 11.89
N ALA A 337 7.35 12.47 10.64
CA ALA A 337 8.60 11.80 10.33
C ALA A 337 9.77 12.56 10.95
N CYS A 338 10.87 11.83 11.17
CA CYS A 338 12.04 12.44 11.79
C CYS A 338 12.63 13.52 10.87
N ASP A 339 13.46 14.39 11.47
CA ASP A 339 14.00 15.52 10.73
C ASP A 339 14.82 15.08 9.53
N SER A 340 15.59 13.99 9.68
CA SER A 340 16.35 13.48 8.54
C SER A 340 15.42 12.94 7.45
N ALA A 341 14.34 12.29 7.86
CA ALA A 341 13.35 11.83 6.89
C ALA A 341 12.66 13.00 6.20
N LEU A 342 12.28 14.02 6.97
CA LEU A 342 11.70 15.22 6.36
C LEU A 342 12.67 15.87 5.39
N GLU A 343 13.97 15.83 5.70
CA GLU A 343 14.97 16.38 4.80
C GLU A 343 15.06 15.58 3.51
N SER A 344 15.10 14.26 3.62
CA SER A 344 15.14 13.41 2.42
C SER A 344 13.90 13.63 1.56
N ILE A 345 12.72 13.63 2.19
CA ILE A 345 11.46 13.82 1.49
C ILE A 345 11.44 15.18 0.80
N GLN A 346 11.86 16.22 1.52
CA GLN A 346 11.88 17.56 0.96
C GLN A 346 12.83 17.66 -0.23
N ASN A 347 14.01 17.05 -0.11
CA ASN A 347 14.98 17.13 -1.21
C ASN A 347 14.48 16.38 -2.44
N VAL A 348 13.91 15.19 -2.25
CA VAL A 348 13.44 14.44 -3.41
C VAL A 348 12.24 15.13 -4.05
N ARG A 349 11.34 15.68 -3.22
CA ARG A 349 10.21 16.42 -3.77
C ARG A 349 10.66 17.63 -4.56
N ASN A 350 11.63 18.38 -4.03
CA ASN A 350 12.10 19.56 -4.73
C ASN A 350 12.79 19.20 -6.04
N VAL A 351 13.66 18.19 -6.03
CA VAL A 351 14.36 17.86 -7.25
C VAL A 351 13.42 17.25 -8.29
N GLN A 352 12.41 16.50 -7.85
CA GLN A 352 11.45 15.90 -8.78
C GLN A 352 10.32 16.85 -9.17
N SER A 353 10.31 18.07 -8.64
CA SER A 353 9.19 18.98 -8.88
C SER A 353 9.17 19.48 -10.32
N SER A 354 10.33 19.59 -10.96
CA SER A 354 10.36 19.99 -12.36
C SER A 354 9.78 18.93 -13.28
N TYR A 355 9.58 17.72 -12.79
CA TYR A 355 8.98 16.64 -13.56
C TYR A 355 7.59 16.26 -13.08
N TRP A 356 7.31 16.40 -11.78
CA TRP A 356 5.99 16.14 -11.22
C TRP A 356 5.54 17.44 -10.56
N SER A 357 4.76 18.23 -11.31
CA SER A 357 4.42 19.59 -10.88
C SER A 357 3.67 19.62 -9.56
N SER A 358 3.19 18.47 -9.09
CA SER A 358 2.55 18.40 -7.78
C SER A 358 3.51 18.77 -6.65
N PHE A 359 4.82 18.69 -6.90
CA PHE A 359 5.82 18.91 -5.85
C PHE A 359 6.38 20.33 -5.80
N LYS A 360 6.01 21.19 -6.75
CA LYS A 360 6.52 22.56 -6.75
C LYS A 360 6.13 23.27 -5.46
N HIS A 361 6.93 24.27 -5.09
CA HIS A 361 6.70 24.99 -3.85
C HIS A 361 7.03 26.47 -4.03
N LEU A 362 6.31 27.31 -3.29
CA LEU A 362 6.55 28.75 -3.33
C LEU A 362 7.88 29.10 -2.66
N ALA A 363 8.33 30.33 -2.92
CA ALA A 363 9.57 30.80 -2.33
C ALA A 363 9.37 31.17 -0.86
N GLN A 364 10.35 30.84 -0.04
CA GLN A 364 10.30 31.14 1.39
C GLN A 364 11.39 32.11 1.79
N ILE A 400 16.56 -7.25 20.45
CA ILE A 400 15.58 -6.42 19.75
C ILE A 400 14.27 -7.17 19.61
N VAL A 401 13.33 -6.90 20.51
CA VAL A 401 12.03 -7.56 20.52
C VAL A 401 10.95 -6.53 20.24
N TRP A 402 9.85 -7.00 19.66
CA TRP A 402 8.69 -6.17 19.37
C TRP A 402 7.43 -7.03 19.50
N PRO A 403 6.30 -6.42 19.84
CA PRO A 403 5.07 -7.21 20.01
C PRO A 403 4.68 -7.91 18.71
N GLU A 404 4.18 -9.14 18.86
CA GLU A 404 3.75 -9.91 17.70
C GLU A 404 2.54 -9.25 17.05
N PRO A 405 2.48 -9.21 15.72
CA PRO A 405 1.33 -8.58 15.05
C PRO A 405 0.05 -9.35 15.32
N LEU A 406 -1.04 -8.61 15.48
CA LEU A 406 -2.34 -9.23 15.75
C LEU A 406 -2.80 -10.06 14.56
N LYS A 407 -3.73 -10.98 14.84
CA LYS A 407 -4.25 -11.86 13.80
C LYS A 407 -5.20 -11.09 12.89
N ARG A 408 -4.89 -11.05 11.60
CA ARG A 408 -5.73 -10.36 10.64
C ARG A 408 -6.82 -11.30 10.10
N ALA A 411 -13.55 -11.27 7.79
CA ALA A 411 -14.89 -11.48 8.32
C ALA A 411 -15.70 -12.39 7.41
N SER A 412 -16.67 -13.11 7.99
CA SER A 412 -17.49 -14.03 7.22
C SER A 412 -18.25 -13.30 6.11
N VAL A 413 -18.92 -12.22 6.46
CA VAL A 413 -19.58 -11.35 5.49
C VAL A 413 -18.86 -10.01 5.52
N ARG A 414 -18.11 -9.72 4.45
CA ARG A 414 -17.30 -8.51 4.44
C ARG A 414 -18.18 -7.25 4.47
N THR A 415 -19.24 -7.24 3.67
CA THR A 415 -20.10 -6.07 3.55
C THR A 415 -21.55 -6.47 3.69
N VAL A 416 -22.34 -5.57 4.29
CA VAL A 416 -23.79 -5.67 4.31
C VAL A 416 -24.35 -4.41 3.68
N VAL A 417 -25.46 -4.56 2.96
CA VAL A 417 -26.06 -3.45 2.20
C VAL A 417 -27.51 -3.29 2.65
N VAL A 418 -27.88 -2.08 3.01
CA VAL A 418 -29.28 -1.76 3.32
C VAL A 418 -29.78 -0.75 2.29
N PRO A 419 -30.31 -1.22 1.16
CA PRO A 419 -30.90 -0.30 0.17
C PRO A 419 -32.24 0.22 0.68
N PRO A 420 -32.90 1.09 -0.08
CA PRO A 420 -34.28 1.47 0.27
C PRO A 420 -35.17 0.25 0.39
N PRO A 421 -36.05 0.23 1.39
CA PRO A 421 -36.90 -0.95 1.61
C PRO A 421 -37.78 -1.23 0.40
N GLY A 422 -37.55 -2.38 -0.21
CA GLY A 422 -38.21 -2.74 -1.45
C GLY A 422 -37.36 -2.66 -2.70
N VAL A 423 -36.04 -2.58 -2.57
CA VAL A 423 -35.12 -2.51 -3.71
C VAL A 423 -34.18 -3.69 -3.62
N GLU A 424 -34.05 -4.43 -4.72
CA GLU A 424 -33.13 -5.56 -4.80
C GLU A 424 -32.02 -5.26 -5.80
N LEU A 425 -30.83 -5.79 -5.53
CA LEU A 425 -29.68 -5.57 -6.38
C LEU A 425 -28.88 -6.86 -6.49
N THR A 426 -27.97 -6.89 -7.46
CA THR A 426 -27.06 -8.02 -7.65
C THR A 426 -25.76 -7.68 -6.92
N LEU A 427 -25.62 -8.18 -5.69
CA LEU A 427 -24.50 -7.88 -4.83
C LEU A 427 -23.41 -8.93 -4.98
N PRO A 428 -22.15 -8.55 -4.76
CA PRO A 428 -21.04 -9.52 -4.82
C PRO A 428 -21.23 -10.66 -3.83
N LYS A 429 -20.37 -11.67 -3.98
CA LYS A 429 -20.49 -12.90 -3.18
C LYS A 429 -20.29 -12.65 -1.69
N ASN A 430 -19.64 -11.56 -1.32
CA ASN A 430 -19.40 -11.26 0.09
C ASN A 430 -20.27 -10.09 0.55
N CYS A 431 -21.57 -10.16 0.27
CA CYS A 431 -22.48 -9.08 0.62
C CYS A 431 -23.82 -9.67 1.08
N GLN A 432 -24.30 -9.18 2.22
CA GLN A 432 -25.59 -9.58 2.75
C GLN A 432 -26.56 -8.40 2.72
N HIS A 433 -27.85 -8.71 2.63
CA HIS A 433 -28.86 -7.66 2.64
C HIS A 433 -29.15 -7.13 4.04
N SER A 434 -28.60 -7.76 5.08
CA SER A 434 -28.84 -7.36 6.47
C SER A 434 -30.33 -7.28 6.77
N GLY A 435 -30.75 -6.22 7.45
CA GLY A 435 -32.17 -6.02 7.72
C GLY A 435 -32.76 -6.89 8.79
N ASP A 436 -31.93 -7.63 9.55
CA ASP A 436 -32.42 -8.48 10.63
C ASP A 436 -32.48 -7.63 11.90
N ILE A 437 -33.51 -6.78 11.97
CA ILE A 437 -33.70 -5.89 13.10
C ILE A 437 -34.25 -6.69 14.27
N SER A 438 -33.55 -6.64 15.40
CA SER A 438 -33.90 -7.44 16.57
C SER A 438 -34.78 -6.64 17.51
N GLU A 439 -35.22 -7.28 18.60
CA GLU A 439 -36.08 -6.63 19.56
C GLU A 439 -35.34 -5.55 20.33
N SER A 440 -34.15 -5.88 20.85
CA SER A 440 -33.35 -4.90 21.58
C SER A 440 -32.96 -3.74 20.69
N THR A 441 -32.73 -3.99 19.39
CA THR A 441 -32.42 -2.91 18.46
C THR A 441 -33.58 -1.92 18.38
N ALA A 442 -34.79 -2.43 18.15
CA ALA A 442 -35.95 -1.55 18.09
C ALA A 442 -36.20 -0.85 19.42
N LYS A 443 -35.91 -1.51 20.54
CA LYS A 443 -36.06 -0.86 21.84
C LYS A 443 -35.08 0.30 21.98
N GLU A 444 -33.83 0.10 21.55
CA GLU A 444 -32.85 1.18 21.58
C GLU A 444 -33.27 2.33 20.67
N VAL A 445 -33.83 2.02 19.50
CA VAL A 445 -34.28 3.06 18.59
C VAL A 445 -35.43 3.84 19.21
N GLN A 446 -36.36 3.15 19.88
CA GLN A 446 -37.46 3.83 20.54
C GLN A 446 -36.96 4.72 21.67
N ARG A 447 -35.96 4.25 22.41
CA ARG A 447 -35.36 5.08 23.46
C ARG A 447 -34.72 6.34 22.87
N ILE A 448 -33.97 6.17 21.78
CA ILE A 448 -33.34 7.32 21.12
C ILE A 448 -34.41 8.32 20.67
N ARG A 449 -35.49 7.82 20.08
CA ARG A 449 -36.54 8.69 19.56
C ARG A 449 -37.23 9.45 20.69
N ASP A 450 -37.60 8.73 21.75
CA ASP A 450 -38.25 9.41 22.88
C ASP A 450 -37.31 10.37 23.58
N LYS A 451 -35.99 10.14 23.47
CA LYS A 451 -35.05 11.02 24.15
C LYS A 451 -34.79 12.29 23.35
N HIS A 452 -34.36 12.16 22.09
CA HIS A 452 -33.86 13.30 21.35
C HIS A 452 -34.72 13.73 20.17
N PHE A 453 -35.47 12.80 19.56
CA PHE A 453 -36.21 13.06 18.33
C PHE A 453 -37.69 12.75 18.55
N HIS A 454 -38.33 13.54 19.41
CA HIS A 454 -39.77 13.43 19.60
C HIS A 454 -40.49 13.95 18.36
N ASP A 455 -41.75 13.55 18.22
CA ASP A 455 -42.60 13.92 17.10
C ASP A 455 -42.03 13.46 15.76
N LEU A 456 -41.15 12.46 15.76
CA LEU A 456 -40.65 11.84 14.54
C LEU A 456 -41.22 10.43 14.50
N THR A 457 -42.27 10.23 13.70
CA THR A 457 -43.00 8.98 13.66
C THR A 457 -42.91 8.27 12.31
N ASP A 458 -41.98 8.67 11.43
CA ASP A 458 -41.85 8.03 10.14
C ASP A 458 -41.25 6.63 10.31
N GLN A 459 -41.91 5.62 9.74
CA GLN A 459 -41.47 4.25 9.89
C GLN A 459 -40.26 3.93 9.00
N ASN A 460 -40.13 4.62 7.86
CA ASN A 460 -39.02 4.34 6.96
C ASN A 460 -37.69 4.77 7.57
N ILE A 461 -37.62 6.02 8.05
CA ILE A 461 -36.37 6.49 8.65
C ILE A 461 -36.09 5.75 9.96
N LEU A 462 -37.13 5.33 10.67
CA LEU A 462 -36.90 4.55 11.89
C LEU A 462 -36.33 3.17 11.55
N ARG A 463 -36.84 2.55 10.49
CA ARG A 463 -36.26 1.29 10.02
C ARG A 463 -34.82 1.48 9.58
N SER A 464 -34.53 2.61 8.94
CA SER A 464 -33.15 2.88 8.52
C SER A 464 -32.23 3.08 9.72
N LEU A 465 -32.74 3.74 10.79
CA LEU A 465 -31.95 3.91 11.99
C LEU A 465 -31.70 2.58 12.70
N GLY A 466 -32.73 1.73 12.74
CA GLY A 466 -32.52 0.39 13.28
C GLY A 466 -31.51 -0.40 12.47
N ASN A 467 -31.55 -0.28 11.14
CA ASN A 467 -30.55 -0.92 10.30
C ASN A 467 -29.16 -0.39 10.60
N ILE A 468 -29.03 0.93 10.77
CA ILE A 468 -27.73 1.53 11.11
C ILE A 468 -27.20 0.94 12.41
N ILE A 469 -28.06 0.86 13.43
CA ILE A 469 -27.63 0.32 14.72
C ILE A 469 -27.21 -1.15 14.58
N SER A 470 -28.00 -1.93 13.84
CA SER A 470 -27.67 -3.35 13.67
C SER A 470 -26.35 -3.53 12.94
N VAL A 471 -26.13 -2.76 11.87
CA VAL A 471 -24.90 -2.88 11.11
C VAL A 471 -23.70 -2.44 11.95
N LEU A 472 -23.85 -1.36 12.71
CA LEU A 472 -22.79 -0.91 13.59
C LEU A 472 -22.45 -1.98 14.62
N ASP A 473 -23.48 -2.59 15.23
CA ASP A 473 -23.22 -3.66 16.19
C ASP A 473 -22.55 -4.85 15.53
N ARG A 474 -22.90 -5.14 14.27
CA ARG A 474 -22.35 -6.31 13.61
C ARG A 474 -20.90 -6.07 13.19
N MET A 475 -20.52 -4.82 12.91
CA MET A 475 -19.17 -4.54 12.45
C MET A 475 -18.22 -4.04 13.53
N MET A 476 -18.74 -3.57 14.67
CA MET A 476 -17.93 -3.01 15.74
C MET A 476 -17.87 -3.90 16.97
N ARG A 477 -18.40 -5.13 16.88
CA ARG A 477 -18.44 -6.00 18.04
C ARG A 477 -18.49 -7.47 17.62
N SER A 478 -19.53 -7.83 16.84
CA SER A 478 -19.70 -9.20 16.42
C SER A 478 -18.55 -9.72 15.58
N ASP A 479 -17.78 -8.82 14.97
CA ASP A 479 -16.69 -9.17 14.06
C ASP A 479 -17.17 -10.04 12.90
N GLU A 480 -18.48 -10.01 12.62
CA GLU A 480 -19.04 -10.75 11.51
C GLU A 480 -19.08 -9.93 10.23
N VAL A 481 -18.99 -8.59 10.33
CA VAL A 481 -19.01 -7.71 9.18
C VAL A 481 -17.84 -6.74 9.30
N CYS A 482 -17.19 -6.44 8.19
CA CYS A 482 -16.15 -5.41 8.16
C CYS A 482 -16.78 -4.04 7.91
N ASN A 483 -17.15 -3.79 6.66
CA ASN A 483 -17.71 -2.53 6.23
C ASN A 483 -19.19 -2.69 5.92
N GLY A 484 -19.86 -1.55 5.75
CA GLY A 484 -21.29 -1.56 5.46
C GLY A 484 -21.72 -0.25 4.82
N CYS A 485 -22.92 -0.27 4.27
CA CYS A 485 -23.47 0.89 3.58
C CYS A 485 -24.98 0.90 3.69
N VAL A 486 -25.54 2.04 4.08
CA VAL A 486 -26.97 2.22 4.25
C VAL A 486 -27.41 3.43 3.43
N VAL A 487 -28.49 3.27 2.67
CA VAL A 487 -29.15 4.38 2.01
C VAL A 487 -30.19 4.95 2.97
N VAL A 488 -30.08 6.25 3.25
CA VAL A 488 -30.96 6.94 4.18
C VAL A 488 -31.42 8.23 3.51
N SER A 489 -32.57 8.74 3.96
CA SER A 489 -33.10 10.00 3.47
C SER A 489 -32.79 11.15 4.41
N ASP A 490 -33.25 11.06 5.66
CA ASP A 490 -33.02 12.10 6.66
C ASP A 490 -31.57 12.01 7.12
N LEU A 491 -30.73 12.90 6.61
CA LEU A 491 -29.32 12.89 6.99
C LEU A 491 -29.13 13.35 8.43
N SER A 492 -29.88 14.38 8.85
CA SER A 492 -29.62 15.05 10.12
C SER A 492 -29.73 14.09 11.30
N VAL A 493 -30.81 13.30 11.36
CA VAL A 493 -30.97 12.38 12.48
C VAL A 493 -30.14 11.12 12.28
N SER A 494 -29.92 10.70 11.03
CA SER A 494 -29.21 9.46 10.78
C SER A 494 -27.74 9.57 11.18
N VAL A 495 -27.08 10.69 10.84
CA VAL A 495 -25.68 10.84 11.23
C VAL A 495 -25.56 10.95 12.74
N GLN A 496 -26.50 11.65 13.39
CA GLN A 496 -26.48 11.72 14.85
C GLN A 496 -26.57 10.33 15.45
N CYS A 497 -27.57 9.55 15.02
CA CYS A 497 -27.73 8.19 15.53
C CYS A 497 -26.47 7.36 15.31
N ALA A 498 -25.93 7.39 14.08
CA ALA A 498 -24.78 6.55 13.76
C ALA A 498 -23.56 6.92 14.59
N LEU A 499 -23.21 8.21 14.60
CA LEU A 499 -22.04 8.67 15.34
C LEU A 499 -22.17 8.36 16.83
N GLN A 500 -23.32 8.69 17.42
CA GLN A 500 -23.46 8.53 18.86
C GLN A 500 -23.57 7.07 19.25
N HIS A 501 -24.07 6.20 18.37
CA HIS A 501 -24.11 4.78 18.70
C HIS A 501 -22.74 4.15 18.53
N ALA A 502 -21.97 4.59 17.52
CA ALA A 502 -20.58 4.14 17.41
C ALA A 502 -19.80 4.50 18.65
N LEU A 503 -19.86 5.77 19.07
CA LEU A 503 -19.19 6.17 20.30
C LEU A 503 -19.79 5.48 21.52
N THR A 504 -21.06 5.08 21.46
CA THR A 504 -21.66 4.32 22.54
C THR A 504 -21.10 2.92 22.59
N GLU A 505 -20.89 2.29 21.44
CA GLU A 505 -20.14 1.06 21.36
C GLU A 505 -18.68 1.35 21.69
N PRO A 506 -17.83 0.33 21.75
CA PRO A 506 -16.41 0.58 21.92
C PRO A 506 -15.79 1.20 20.68
N ALA A 507 -15.78 2.54 20.62
CA ALA A 507 -15.15 3.27 19.53
C ALA A 507 -14.49 4.51 20.12
N GLU A 508 -13.17 4.46 20.29
CA GLU A 508 -12.46 5.58 20.91
C GLU A 508 -12.50 6.81 20.03
N ARG A 509 -12.15 6.67 18.75
CA ARG A 509 -12.11 7.79 17.82
C ARG A 509 -12.84 7.40 16.53
N VAL A 510 -13.38 8.41 15.85
CA VAL A 510 -14.18 8.22 14.65
C VAL A 510 -13.81 9.26 13.61
N LEU A 511 -13.55 8.80 12.40
CA LEU A 511 -13.23 9.65 11.26
C LEU A 511 -14.46 9.77 10.37
N VAL A 512 -15.04 10.96 10.32
CA VAL A 512 -16.25 11.22 9.53
C VAL A 512 -15.81 11.88 8.23
N VAL A 513 -15.96 11.17 7.13
CA VAL A 513 -15.66 11.71 5.80
C VAL A 513 -17.01 12.08 5.18
N TYR A 514 -17.33 13.37 5.20
CA TYR A 514 -18.57 13.90 4.65
C TYR A 514 -18.30 14.54 3.30
N VAL A 515 -19.21 14.34 2.36
CA VAL A 515 -19.10 14.89 1.02
C VAL A 515 -20.33 15.73 0.75
N GLY A 516 -20.14 17.04 0.61
CA GLY A 516 -21.21 17.97 0.36
C GLY A 516 -21.09 19.19 1.25
N ASP A 517 -22.09 20.05 1.18
CA ASP A 517 -22.12 21.29 1.96
C ASP A 517 -23.09 21.15 3.14
N GLY A 518 -23.06 22.15 4.00
CA GLY A 518 -23.90 22.16 5.19
C GLY A 518 -23.20 21.61 6.41
N GLU A 519 -23.44 22.23 7.57
CA GLU A 519 -22.84 21.77 8.81
C GLU A 519 -23.62 20.57 9.34
N LEU A 520 -22.91 19.46 9.58
CA LEU A 520 -23.54 18.26 10.09
C LEU A 520 -23.54 18.27 11.63
N PRO A 521 -24.52 17.62 12.26
CA PRO A 521 -24.54 17.59 13.73
C PRO A 521 -23.40 16.76 14.31
N VAL A 522 -22.19 17.32 14.26
CA VAL A 522 -20.99 16.63 14.70
C VAL A 522 -20.20 17.58 15.58
N LYS A 523 -20.11 17.25 16.88
CA LYS A 523 -19.31 18.05 17.81
C LYS A 523 -17.84 17.75 17.55
N THR A 524 -17.17 18.63 16.81
CA THR A 524 -15.76 18.47 16.47
C THR A 524 -14.87 19.21 17.46
N ASN A 525 -15.06 18.94 18.75
CA ASN A 525 -14.24 19.58 19.79
C ASN A 525 -13.78 18.61 20.88
N ASP A 526 -14.46 17.48 21.10
CA ASP A 526 -14.05 16.56 22.13
C ASP A 526 -12.78 15.79 21.78
N GLY A 527 -12.23 16.00 20.59
CA GLY A 527 -11.06 15.25 20.16
C GLY A 527 -11.31 13.81 19.74
N LYS A 528 -12.44 13.21 20.13
CA LYS A 528 -12.72 11.83 19.77
C LYS A 528 -13.33 11.70 18.39
N VAL A 529 -13.39 12.77 17.61
CA VAL A 529 -14.00 12.77 16.28
C VAL A 529 -13.22 13.73 15.40
N PHE A 530 -12.86 13.27 14.20
CA PHE A 530 -12.32 14.15 13.17
C PHE A 530 -13.31 14.23 12.02
N LEU A 531 -13.42 15.41 11.41
CA LEU A 531 -14.32 15.65 10.30
C LEU A 531 -13.51 16.06 9.07
N VAL A 532 -13.80 15.42 7.93
CA VAL A 532 -13.20 15.75 6.64
C VAL A 532 -14.36 16.06 5.71
N GLN A 533 -14.60 17.33 5.44
CA GLN A 533 -15.78 17.78 4.70
C GLN A 533 -15.35 18.24 3.31
N ILE A 534 -15.73 17.47 2.29
CA ILE A 534 -15.55 17.84 0.90
C ILE A 534 -16.77 18.67 0.51
N CYS A 535 -16.60 19.98 0.43
CA CYS A 535 -17.68 20.91 0.11
C CYS A 535 -17.35 21.66 -1.17
N THR A 536 -18.24 22.58 -1.53
CA THR A 536 -18.04 23.45 -2.69
C THR A 536 -17.74 24.90 -2.32
N LYS A 537 -18.32 25.40 -1.23
CA LYS A 537 -18.09 26.77 -0.80
C LYS A 537 -16.77 26.90 -0.03
N LYS A 542 -11.57 26.67 11.14
CA LYS A 542 -11.02 27.34 12.32
C LYS A 542 -10.85 26.37 13.47
N CYS A 543 -11.02 25.09 13.18
CA CYS A 543 -10.93 24.02 14.18
C CYS A 543 -9.80 23.08 13.80
N VAL A 544 -8.98 22.71 14.79
CA VAL A 544 -7.85 21.83 14.53
C VAL A 544 -8.29 20.39 14.29
N ASN A 545 -9.51 20.03 14.70
CA ASN A 545 -10.03 18.69 14.52
C ASN A 545 -10.88 18.54 13.26
N ARG A 546 -10.94 19.57 12.42
CA ARG A 546 -11.73 19.53 11.20
C ARG A 546 -10.83 19.82 9.99
N LEU A 547 -11.33 19.48 8.82
CA LEU A 547 -10.60 19.71 7.57
C LEU A 547 -11.65 19.93 6.48
N THR A 548 -11.82 21.19 6.08
CA THR A 548 -12.76 21.55 5.02
C THR A 548 -11.99 21.72 3.71
N LEU A 549 -12.51 21.13 2.64
CA LEU A 549 -11.87 21.18 1.33
C LEU A 549 -12.91 21.57 0.29
N CYS A 550 -12.77 22.74 -0.31
CA CYS A 550 -13.68 23.22 -1.35
C CYS A 550 -12.95 23.17 -2.69
N LEU A 551 -12.77 21.96 -3.21
CA LEU A 551 -12.06 21.77 -4.47
C LEU A 551 -12.89 22.21 -5.68
N GLU A 555 -13.21 19.77 -13.71
CA GLU A 555 -12.38 18.93 -14.55
C GLU A 555 -11.21 18.37 -13.75
N SER A 556 -10.30 19.24 -13.35
CA SER A 556 -9.18 18.87 -12.51
C SER A 556 -9.58 18.64 -11.05
N LEU A 557 -10.88 18.78 -10.73
CA LEU A 557 -11.36 18.46 -9.39
C LEU A 557 -10.98 17.03 -9.00
N THR A 558 -10.94 16.12 -9.97
CA THR A 558 -10.46 14.77 -9.71
C THR A 558 -9.01 14.80 -9.23
N ALA A 559 -8.14 15.48 -9.97
CA ALA A 559 -6.72 15.52 -9.61
C ALA A 559 -6.49 16.22 -8.29
N GLY A 560 -7.21 17.32 -8.05
CA GLY A 560 -7.08 18.03 -6.79
C GLY A 560 -7.54 17.18 -5.61
N PHE A 561 -8.70 16.53 -5.76
CA PHE A 561 -9.19 15.65 -4.70
C PHE A 561 -8.22 14.50 -4.45
N MET A 562 -7.61 13.97 -5.51
CA MET A 562 -6.65 12.88 -5.33
C MET A 562 -5.41 13.36 -4.59
N GLN A 563 -4.85 14.49 -5.00
CA GLN A 563 -3.68 15.03 -4.30
C GLN A 563 -4.00 15.32 -2.84
N ALA A 564 -5.21 15.80 -2.57
CA ALA A 564 -5.61 16.07 -1.18
C ALA A 564 -5.74 14.78 -0.39
N LEU A 565 -6.41 13.78 -0.96
CA LEU A 565 -6.55 12.49 -0.29
C LEU A 565 -5.18 11.88 0.02
N LEU A 566 -4.26 11.96 -0.93
CA LEU A 566 -2.95 11.34 -0.73
C LEU A 566 -2.10 12.12 0.28
N GLY A 567 -2.11 13.45 0.19
CA GLY A 567 -1.23 14.25 1.01
C GLY A 567 -1.84 14.92 2.22
N LEU A 568 -3.17 14.89 2.32
CA LEU A 568 -3.85 15.54 3.44
C LEU A 568 -4.76 14.59 4.18
N ILE A 569 -5.74 14.01 3.49
CA ILE A 569 -6.74 13.16 4.14
C ILE A 569 -6.08 11.94 4.75
N LEU A 570 -5.34 11.18 3.94
CA LEU A 570 -4.74 9.94 4.44
C LEU A 570 -3.72 10.16 5.56
N PRO A 571 -2.83 11.15 5.52
CA PRO A 571 -1.91 11.34 6.67
C PRO A 571 -2.63 11.65 7.96
N VAL A 572 -3.58 12.59 7.94
CA VAL A 572 -4.33 12.92 9.15
C VAL A 572 -5.12 11.71 9.63
N ALA A 573 -5.65 10.92 8.70
CA ALA A 573 -6.43 9.74 9.09
C ALA A 573 -5.53 8.70 9.75
N TYR A 574 -4.36 8.44 9.16
CA TYR A 574 -3.46 7.44 9.72
C TYR A 574 -2.93 7.86 11.08
N GLU A 575 -2.68 9.16 11.28
CA GLU A 575 -2.25 9.61 12.61
C GLU A 575 -3.41 9.56 13.60
N PHE A 576 -4.61 9.96 13.17
CA PHE A 576 -5.77 9.99 14.04
C PHE A 576 -6.11 8.61 14.57
N ASN A 577 -5.82 7.56 13.80
CA ASN A 577 -6.06 6.18 14.19
C ASN A 577 -7.52 5.97 14.63
N PRO A 578 -8.49 6.17 13.74
CA PRO A 578 -9.89 6.07 14.14
C PRO A 578 -10.32 4.63 14.33
N ALA A 579 -11.22 4.43 15.29
CA ALA A 579 -11.81 3.11 15.50
C ALA A 579 -12.91 2.79 14.50
N LEU A 580 -13.44 3.81 13.81
CA LEU A 580 -14.46 3.61 12.80
C LEU A 580 -14.42 4.79 11.83
N VAL A 581 -14.70 4.49 10.56
CA VAL A 581 -14.86 5.51 9.53
C VAL A 581 -16.34 5.59 9.17
N LEU A 582 -16.87 6.81 9.21
CA LEU A 582 -18.27 7.08 8.87
C LEU A 582 -18.28 7.94 7.60
N GLY A 583 -18.67 7.32 6.49
CA GLY A 583 -18.78 8.04 5.23
C GLY A 583 -20.20 8.58 5.05
N ILE A 584 -20.28 9.82 4.56
CA ILE A 584 -21.57 10.46 4.32
C ILE A 584 -21.54 11.11 2.95
N VAL A 585 -22.58 10.86 2.16
CA VAL A 585 -22.77 11.52 0.88
C VAL A 585 -24.21 12.00 0.78
N GLU A 586 -24.40 13.10 0.05
CA GLU A 586 -25.70 13.72 -0.09
C GLU A 586 -25.94 14.11 -1.54
N GLU A 587 -27.19 14.45 -1.83
CA GLU A 587 -27.61 15.04 -3.11
C GLU A 587 -27.13 14.26 -4.32
N MET A 595 -20.59 13.33 -10.36
CA MET A 595 -19.33 13.06 -11.01
C MET A 595 -18.19 13.02 -9.99
N ARG A 596 -18.00 11.86 -9.38
CA ARG A 596 -16.96 11.72 -8.37
C ARG A 596 -16.57 10.25 -8.27
N VAL A 597 -15.29 9.95 -8.45
CA VAL A 597 -14.80 8.59 -8.26
C VAL A 597 -14.26 8.51 -6.84
N TRP A 598 -15.14 8.11 -5.91
CA TRP A 598 -14.77 8.04 -4.51
C TRP A 598 -14.43 6.62 -4.06
N GLY A 599 -14.49 5.65 -4.98
CA GLY A 599 -14.08 4.30 -4.61
C GLY A 599 -12.61 4.21 -4.26
N HIS A 600 -11.77 5.00 -4.95
CA HIS A 600 -10.38 5.12 -4.56
C HIS A 600 -10.27 5.53 -3.10
N MET A 601 -10.98 6.59 -2.71
CA MET A 601 -10.98 7.02 -1.33
C MET A 601 -11.61 5.98 -0.43
N THR A 602 -12.72 5.39 -0.85
CA THR A 602 -13.38 4.35 -0.07
C THR A 602 -12.47 3.15 0.14
N CYS A 603 -11.54 2.91 -0.79
CA CYS A 603 -10.62 1.79 -0.61
C CYS A 603 -9.42 2.18 0.23
N LEU A 604 -8.84 3.36 -0.03
CA LEU A 604 -7.66 3.79 0.72
C LEU A 604 -7.98 4.08 2.18
N ILE A 605 -9.18 4.60 2.45
CA ILE A 605 -9.57 4.84 3.84
C ILE A 605 -9.74 3.51 4.59
N GLN A 606 -10.06 2.44 3.88
CA GLN A 606 -10.21 1.14 4.52
C GLN A 606 -8.95 0.68 5.23
N GLY A 607 -7.80 1.30 4.95
CA GLY A 607 -6.62 1.04 5.76
C GLY A 607 -6.84 1.38 7.21
N LEU A 608 -7.70 2.35 7.49
CA LEU A 608 -7.97 2.79 8.84
C LEU A 608 -9.07 1.95 9.48
N ALA A 609 -9.01 1.84 10.81
CA ALA A 609 -10.09 1.27 11.61
C ALA A 609 -10.31 -0.21 11.32
N ARG A 610 -9.23 -0.92 10.97
CA ARG A 610 -9.33 -2.36 10.65
C ARG A 610 -10.34 -2.62 9.55
N GLY A 611 -10.54 -1.63 8.67
CA GLY A 611 -11.47 -1.75 7.57
C GLY A 611 -12.89 -1.35 7.85
N ARG A 612 -13.24 -1.08 9.12
CA ARG A 612 -14.62 -0.76 9.48
C ARG A 612 -14.99 0.61 8.92
N MET A 613 -15.73 0.60 7.81
CA MET A 613 -16.26 1.84 7.23
C MET A 613 -17.75 1.68 7.01
N LEU A 614 -18.53 2.56 7.62
CA LEU A 614 -19.97 2.61 7.44
C LEU A 614 -20.31 3.81 6.57
N THR A 615 -20.93 3.56 5.43
CA THR A 615 -21.30 4.60 4.49
C THR A 615 -22.77 4.94 4.64
N LEU A 616 -23.07 6.24 4.61
CA LEU A 616 -24.44 6.75 4.65
C LEU A 616 -24.70 7.53 3.36
N LEU A 617 -25.69 7.09 2.59
CA LEU A 617 -25.97 7.70 1.28
C LEU A 617 -27.34 8.36 1.31
N GLN A 618 -27.36 9.68 1.19
CA GLN A 618 -28.62 10.42 1.15
C GLN A 618 -29.22 10.26 -0.25
N GLY A 619 -30.36 9.60 -0.32
CA GLY A 619 -30.95 9.34 -1.62
C GLY A 619 -30.37 8.11 -2.28
N TYR A 620 -31.21 7.46 -3.09
CA TYR A 620 -30.81 6.25 -3.80
C TYR A 620 -30.26 6.61 -5.17
N ASP A 621 -29.02 6.18 -5.43
CA ASP A 621 -28.40 6.24 -6.74
C ASP A 621 -27.78 4.87 -6.99
N LYS A 622 -28.36 4.10 -7.91
CA LYS A 622 -27.89 2.74 -8.16
C LYS A 622 -26.40 2.73 -8.54
N ASP A 623 -25.97 3.69 -9.36
CA ASP A 623 -24.57 3.74 -9.76
C ASP A 623 -23.67 3.95 -8.54
N LEU A 624 -23.98 4.95 -7.73
CA LEU A 624 -23.13 5.27 -6.59
C LEU A 624 -23.24 4.22 -5.50
N LEU A 625 -24.43 3.65 -5.31
CA LEU A 625 -24.58 2.54 -4.37
C LEU A 625 -23.70 1.38 -4.78
N GLU A 626 -23.72 1.02 -6.06
CA GLU A 626 -22.87 -0.07 -6.54
C GLU A 626 -21.39 0.27 -6.38
N LEU A 627 -21.01 1.52 -6.64
CA LEU A 627 -19.63 1.94 -6.46
C LEU A 627 -19.19 1.77 -5.02
N THR A 628 -20.00 2.24 -4.07
CA THR A 628 -19.67 2.12 -2.67
C THR A 628 -19.55 0.65 -2.26
N VAL A 629 -20.52 -0.17 -2.67
CA VAL A 629 -20.51 -1.58 -2.27
C VAL A 629 -19.29 -2.29 -2.84
N SER A 630 -18.95 -2.01 -4.11
CA SER A 630 -17.79 -2.64 -4.72
C SER A 630 -16.50 -2.19 -4.05
N ALA A 631 -16.41 -0.91 -3.66
CA ALA A 631 -15.21 -0.45 -2.99
C ALA A 631 -15.08 -1.04 -1.59
N LEU A 632 -16.20 -1.28 -0.91
CA LEU A 632 -16.15 -1.87 0.42
C LEU A 632 -15.91 -3.36 0.39
N SER A 633 -16.41 -4.06 -0.64
CA SER A 633 -16.28 -5.51 -0.74
C SER A 633 -14.91 -5.96 -1.18
N GLY A 634 -13.97 -5.04 -1.42
CA GLY A 634 -12.62 -5.42 -1.76
C GLY A 634 -12.39 -5.72 -3.22
N ALA A 635 -13.20 -5.14 -4.11
CA ALA A 635 -13.06 -5.36 -5.54
C ALA A 635 -12.02 -4.40 -6.14
N SER A 636 -11.67 -4.66 -7.40
CA SER A 636 -10.68 -3.83 -8.08
C SER A 636 -11.31 -2.49 -8.44
N ILE A 637 -10.62 -1.41 -8.12
CA ILE A 637 -11.11 -0.07 -8.42
C ILE A 637 -10.73 0.28 -9.85
N SER A 638 -11.71 0.74 -10.61
CA SER A 638 -11.44 1.20 -11.97
C SER A 638 -10.42 2.33 -11.93
N PRO A 639 -9.37 2.29 -12.74
CA PRO A 639 -8.31 3.29 -12.63
C PRO A 639 -8.81 4.69 -12.93
N LEU A 640 -8.32 5.66 -12.17
CA LEU A 640 -8.74 7.05 -12.34
C LEU A 640 -8.15 7.69 -13.59
N GLY A 641 -7.27 6.99 -14.29
CA GLY A 641 -6.64 7.54 -15.48
C GLY A 641 -5.51 8.48 -15.13
N PRO A 642 -4.69 8.83 -16.12
CA PRO A 642 -3.56 9.75 -15.87
C PRO A 642 -4.04 11.13 -15.42
N LEU A 643 -3.71 11.49 -14.18
CA LEU A 643 -4.13 12.76 -13.61
C LEU A 643 -3.13 13.86 -13.96
N ARG A 644 -3.65 14.99 -14.41
CA ARG A 644 -2.81 16.16 -14.63
C ARG A 644 -2.59 16.88 -13.30
N ALA A 645 -1.80 17.95 -13.34
CA ALA A 645 -1.58 18.74 -12.14
C ALA A 645 -2.83 19.54 -11.81
N PRO A 646 -3.21 19.65 -10.54
CA PRO A 646 -4.43 20.37 -10.18
C PRO A 646 -4.30 21.87 -10.42
N LYS A 647 -5.44 22.54 -10.39
CA LYS A 647 -5.48 23.98 -10.64
C LYS A 647 -4.79 24.73 -9.49
N PRO A 648 -4.17 25.88 -9.79
CA PRO A 648 -3.39 26.58 -8.76
C PRO A 648 -4.17 26.96 -7.51
N GLU A 649 -5.45 27.32 -7.66
CA GLU A 649 -6.25 27.69 -6.50
C GLU A 649 -6.43 26.51 -5.56
N ASP A 650 -6.69 25.32 -6.12
CA ASP A 650 -6.81 24.13 -5.28
C ASP A 650 -5.49 23.81 -4.59
N VAL A 651 -4.37 24.00 -5.27
CA VAL A 651 -3.07 23.75 -4.67
C VAL A 651 -2.82 24.72 -3.51
N GLU A 652 -3.21 25.98 -3.70
CA GLU A 652 -3.08 26.95 -2.62
C GLU A 652 -3.94 26.57 -1.42
N MET A 653 -5.18 26.14 -1.68
CA MET A 653 -6.05 25.69 -0.60
C MET A 653 -5.45 24.51 0.15
N MET A 654 -4.87 23.55 -0.58
CA MET A 654 -4.29 22.38 0.07
C MET A 654 -3.06 22.75 0.89
N GLU A 655 -2.20 23.62 0.35
CA GLU A 655 -1.02 24.05 1.11
C GLU A 655 -1.43 24.80 2.37
N LYS A 656 -2.47 25.65 2.27
CA LYS A 656 -2.95 26.35 3.44
C LYS A 656 -3.50 25.38 4.49
N GLN A 657 -4.25 24.37 4.05
CA GLN A 657 -4.75 23.38 4.99
C GLN A 657 -3.60 22.61 5.66
N ARG A 658 -2.60 22.22 4.88
CA ARG A 658 -1.45 21.54 5.47
C ARG A 658 -0.78 22.41 6.53
N GLN A 659 -0.47 23.67 6.17
CA GLN A 659 0.16 24.58 7.13
C GLN A 659 -0.73 24.81 8.34
N ARG A 660 -2.04 24.74 8.18
CA ARG A 660 -2.95 24.94 9.30
C ARG A 660 -2.99 23.73 10.22
N LEU A 661 -2.72 22.54 9.69
CA LEU A 661 -2.80 21.31 10.48
C LEU A 661 -1.46 20.65 10.76
N GLN A 662 -0.34 21.23 10.31
CA GLN A 662 0.95 20.58 10.49
C GLN A 662 1.33 20.47 11.96
N GLU A 663 1.05 21.50 12.76
CA GLU A 663 1.50 21.52 14.14
C GLU A 663 0.85 20.44 14.98
N ARG A 664 -0.40 20.08 14.67
CA ARG A 664 -1.08 18.99 15.36
C ARG A 664 -0.82 17.64 14.69
N TRP A 665 -1.02 17.58 13.37
CA TRP A 665 -0.86 16.33 12.62
C TRP A 665 0.47 16.39 11.88
N GLY A 666 1.54 16.06 12.61
CA GLY A 666 2.88 16.13 12.06
C GLY A 666 3.10 15.25 10.85
N LEU A 667 2.26 14.23 10.64
CA LEU A 667 2.40 13.38 9.47
C LEU A 667 2.05 14.11 8.18
N LEU A 668 1.45 15.29 8.27
CA LEU A 668 1.27 16.15 7.11
C LEU A 668 2.56 16.81 6.67
N ARG A 669 3.52 16.96 7.58
CA ARG A 669 4.77 17.65 7.25
C ARG A 669 5.54 16.84 6.22
N CYS A 670 5.78 17.46 5.05
CA CYS A 670 6.69 16.93 4.05
C CYS A 670 7.86 17.90 3.86
N THR A 671 8.21 18.60 4.93
CA THR A 671 9.25 19.61 4.90
C THR A 671 9.75 19.83 6.33
N VAL A 672 11.05 20.09 6.44
CA VAL A 672 11.66 20.30 7.75
C VAL A 672 11.04 21.53 8.41
N SER A 673 10.67 21.40 9.68
CA SER A 673 10.10 22.51 10.42
C SER A 673 11.18 23.54 10.75
N GLU A 674 10.79 24.82 10.67
CA GLU A 674 11.69 25.93 10.95
C GLU A 674 11.48 26.42 12.37
N SER A 675 12.58 26.55 13.12
CA SER A 675 12.49 27.03 14.49
C SER A 675 11.98 28.47 14.54
N TRP A 676 11.19 28.78 15.55
CA TRP A 676 10.66 30.12 15.74
C TRP A 676 11.77 31.12 16.04
#